data_6NB0
#
_entry.id   6NB0
#
_cell.length_a   77.600
_cell.length_b   77.600
_cell.length_c   97.170
_cell.angle_alpha   90.000
_cell.angle_beta   90.000
_cell.angle_gamma   120.000
#
_symmetry.space_group_name_H-M   'P 32 2 1'
#
loop_
_entity.id
_entity.type
_entity.pdbx_description
1 polymer 'Histidine kinase'
2 non-polymer GLYCEROL
3 water water
#
_entity_poly.entity_id   1
_entity_poly.type   'polypeptide(L)'
_entity_poly.pdbx_seq_one_letter_code
;MAHHHHHHMGTLEAQTQGPGSMSIVTPSTPSSSGSNEEMPAVTERTARRSAETALFMRDHVLSLVSHDLRSPLNAIHSWA
YVLDRKIDAKDTTAQRALEGIRNGVDQQVKLLESIVDTTRAETKALALKRAPFALRPLLDETIGDVREGLAARRGIVLAL
NTPLAAQQMDGDRERLAAALWLLVTFAVEASASGTTVTLDADVDTATLRATVSWQATPAALTDPALPHVLENFARAQATH
PREAGRISWVLALCKRVAEAHDGAFEQGEFADGQSSTLKFRASLAGA
;
_entity_poly.pdbx_strand_id   A
#
# COMPACT_ATOMS: atom_id res chain seq x y z
N VAL A 42 17.33 -5.70 11.13
CA VAL A 42 16.11 -5.97 10.36
C VAL A 42 15.48 -7.28 10.86
N THR A 43 14.26 -7.19 11.39
CA THR A 43 13.56 -8.36 11.85
C THR A 43 13.09 -9.22 10.68
N GLU A 44 12.73 -10.47 10.99
CA GLU A 44 12.15 -11.31 9.96
C GLU A 44 10.85 -10.71 9.44
N ARG A 45 10.05 -10.14 10.34
CA ARG A 45 8.78 -9.54 9.94
C ARG A 45 9.00 -8.38 8.96
N THR A 46 9.93 -7.49 9.25
CA THR A 46 10.24 -6.39 8.32
C THR A 46 10.69 -6.92 6.96
N ALA A 47 11.57 -7.93 6.94
CA ALA A 47 12.03 -8.46 5.66
C ALA A 47 10.88 -9.13 4.89
N ARG A 48 10.00 -9.83 5.60
CA ARG A 48 8.85 -10.45 4.96
C ARG A 48 7.93 -9.39 4.33
N ARG A 49 7.58 -8.36 5.10
CA ARG A 49 6.76 -7.25 4.59
C ARG A 49 7.41 -6.55 3.41
N SER A 50 8.73 -6.32 3.50
CA SER A 50 9.44 -5.74 2.37
C SER A 50 9.31 -6.61 1.11
N ALA A 51 9.46 -7.92 1.24
CA ALA A 51 9.39 -8.80 0.07
C ALA A 51 7.98 -8.85 -0.51
N GLU A 52 6.96 -8.89 0.37
CA GLU A 52 5.56 -8.81 -0.06
C GLU A 52 5.29 -7.53 -0.85
N THR A 53 5.73 -6.40 -0.29
CA THR A 53 5.58 -5.12 -0.97
C THR A 53 6.18 -5.16 -2.36
N ALA A 54 7.39 -5.71 -2.47
CA ALA A 54 8.09 -5.73 -3.76
C ALA A 54 7.42 -6.69 -4.73
N LEU A 55 6.93 -7.80 -4.20
CA LEU A 55 6.17 -8.75 -5.01
C LEU A 55 4.98 -8.08 -5.68
N PHE A 56 4.15 -7.41 -4.88
CA PHE A 56 2.96 -6.77 -5.45
C PHE A 56 3.34 -5.64 -6.37
N MET A 57 4.46 -4.95 -6.09
CA MET A 57 4.89 -3.91 -7.02
C MET A 57 5.25 -4.50 -8.38
N ARG A 58 5.87 -5.69 -8.42
CA ARG A 58 6.17 -6.32 -9.71
C ARG A 58 4.90 -6.75 -10.43
N ASP A 59 3.88 -7.21 -9.69
CA ASP A 59 2.57 -7.50 -10.30
C ASP A 59 1.98 -6.25 -10.92
N HIS A 60 2.05 -5.14 -10.19
CA HIS A 60 1.55 -3.87 -10.70
C HIS A 60 2.23 -3.49 -11.99
N VAL A 61 3.56 -3.64 -12.05
CA VAL A 61 4.28 -3.29 -13.27
C VAL A 61 3.84 -4.19 -14.42
N LEU A 62 3.66 -5.49 -14.14
CA LEU A 62 3.20 -6.40 -15.20
C LEU A 62 1.82 -6.00 -15.71
N SER A 63 0.91 -5.63 -14.79
CA SER A 63 -0.44 -5.24 -15.19
CA SER A 63 -0.44 -5.24 -15.19
C SER A 63 -0.42 -3.94 -16.00
N LEU A 64 0.46 -2.99 -15.64
CA LEU A 64 0.59 -1.79 -16.45
C LEU A 64 1.06 -2.15 -17.85
N VAL A 65 2.08 -3.02 -17.94
CA VAL A 65 2.58 -3.51 -19.23
C VAL A 65 1.47 -4.25 -19.99
N SER A 66 0.75 -5.12 -19.29
CA SER A 66 -0.39 -5.83 -19.89
C SER A 66 -1.41 -4.87 -20.50
N HIS A 67 -1.45 -3.63 -20.02
CA HIS A 67 -2.41 -2.62 -20.47
C HIS A 67 -1.82 -1.67 -21.51
N ASP A 68 -0.66 -1.08 -21.22
CA ASP A 68 -0.24 0.15 -21.91
C ASP A 68 0.30 -0.09 -23.31
N LEU A 69 0.72 -1.31 -23.65
CA LEU A 69 1.25 -1.57 -24.98
C LEU A 69 0.15 -1.63 -26.05
N ARG A 70 -1.11 -1.48 -25.66
CA ARG A 70 -2.21 -1.66 -26.61
C ARG A 70 -2.21 -0.57 -27.68
N SER A 71 -1.96 0.68 -27.29
CA SER A 71 -2.18 1.86 -28.12
C SER A 71 -1.02 2.17 -29.07
N PRO A 72 0.24 2.23 -28.62
CA PRO A 72 1.33 2.49 -29.58
C PRO A 72 1.50 1.37 -30.58
N LEU A 73 1.09 0.14 -30.24
CA LEU A 73 1.08 -0.95 -31.21
C LEU A 73 0.15 -0.62 -32.37
N ASN A 74 -1.06 -0.16 -32.07
CA ASN A 74 -2.05 0.10 -33.11
C ASN A 74 -1.68 1.30 -33.97
N ALA A 75 -0.96 2.28 -33.41
CA ALA A 75 -0.50 3.40 -34.22
C ALA A 75 0.48 2.94 -35.29
N ILE A 76 1.35 1.99 -34.96
CA ILE A 76 2.18 1.35 -35.97
C ILE A 76 1.31 0.67 -37.02
N HIS A 77 0.31 -0.09 -36.56
CA HIS A 77 -0.58 -0.84 -37.44
C HIS A 77 -1.67 0.02 -38.07
N SER A 78 -1.87 1.25 -37.60
CA SER A 78 -2.74 2.19 -38.29
C SER A 78 -2.07 2.87 -39.46
N TRP A 79 -0.80 2.54 -39.73
CA TRP A 79 -0.12 3.08 -40.91
C TRP A 79 -0.79 2.61 -42.20
N ALA A 80 -1.48 1.48 -42.15
CA ALA A 80 -2.23 0.99 -43.30
C ALA A 80 -3.50 0.29 -42.84
N GLN A 107 3.91 -9.01 -30.97
CA GLN A 107 2.97 -9.00 -29.86
C GLN A 107 1.97 -10.14 -29.98
N GLN A 108 2.47 -11.37 -29.95
CA GLN A 108 1.57 -12.52 -29.93
C GLN A 108 0.77 -12.51 -28.63
N VAL A 109 -0.55 -12.53 -28.76
CA VAL A 109 -1.45 -12.46 -27.61
C VAL A 109 -1.11 -13.52 -26.57
N LYS A 110 -0.54 -14.64 -27.01
CA LYS A 110 -0.10 -15.68 -26.06
C LYS A 110 0.93 -15.13 -25.07
N LEU A 111 1.78 -14.21 -25.51
CA LEU A 111 2.68 -13.55 -24.57
C LEU A 111 1.89 -12.69 -23.58
N LEU A 112 0.85 -12.00 -24.07
CA LEU A 112 0.00 -11.23 -23.18
C LEU A 112 -0.71 -12.13 -22.17
N GLU A 113 -1.26 -13.25 -22.64
CA GLU A 113 -2.10 -14.09 -21.79
C GLU A 113 -1.33 -14.73 -20.64
N SER A 114 -0.05 -15.06 -20.85
CA SER A 114 0.74 -15.68 -19.79
C SER A 114 1.20 -14.68 -18.73
N ILE A 115 1.07 -13.38 -18.98
CA ILE A 115 1.17 -12.42 -17.89
C ILE A 115 -0.19 -12.26 -17.22
N VAL A 116 -1.26 -12.25 -18.01
CA VAL A 116 -2.61 -12.24 -17.47
C VAL A 116 -2.83 -13.41 -16.52
N ASP A 117 -2.31 -14.60 -16.86
CA ASP A 117 -2.49 -15.75 -15.98
C ASP A 117 -1.79 -15.53 -14.64
N THR A 118 -0.63 -14.89 -14.65
CA THR A 118 0.06 -14.58 -13.41
C THR A 118 -0.77 -13.66 -12.52
N THR A 119 -1.20 -12.53 -13.07
CA THR A 119 -1.98 -11.57 -12.29
C THR A 119 -3.32 -12.16 -11.87
N ARG A 120 -3.96 -12.93 -12.76
CA ARG A 120 -5.22 -13.58 -12.42
C ARG A 120 -5.03 -14.62 -11.32
N ALA A 121 -3.86 -15.27 -11.29
CA ALA A 121 -3.59 -16.20 -10.19
C ALA A 121 -3.49 -15.48 -8.87
N GLU A 122 -2.69 -14.42 -8.80
CA GLU A 122 -2.63 -13.60 -7.61
C GLU A 122 -4.02 -13.11 -7.20
N THR A 123 -4.83 -12.67 -8.17
CA THR A 123 -6.20 -12.27 -7.88
C THR A 123 -6.97 -13.39 -7.17
N LYS A 124 -6.85 -14.64 -7.66
CA LYS A 124 -7.56 -15.74 -7.02
C LYS A 124 -6.97 -16.08 -5.65
N ALA A 125 -5.65 -15.90 -5.47
CA ALA A 125 -5.04 -16.10 -4.15
C ALA A 125 -5.63 -15.16 -3.11
N LEU A 126 -5.88 -13.91 -3.49
CA LEU A 126 -6.30 -12.88 -2.54
C LEU A 126 -7.75 -13.02 -2.10
N ALA A 127 -8.49 -14.00 -2.63
CA ALA A 127 -9.90 -14.17 -2.31
C ALA A 127 -10.17 -15.41 -1.47
N LEU A 128 -9.13 -16.20 -1.18
CA LEU A 128 -9.32 -17.55 -0.69
C LEU A 128 -9.35 -17.65 0.82
N LYS A 129 -8.73 -16.70 1.53
CA LYS A 129 -8.60 -16.79 2.98
C LYS A 129 -9.35 -15.64 3.63
N ARG A 130 -10.55 -15.88 4.13
CA ARG A 130 -11.28 -14.93 4.97
CA ARG A 130 -11.23 -14.92 4.98
C ARG A 130 -11.57 -15.63 6.29
N ALA A 131 -11.30 -14.96 7.41
CA ALA A 131 -11.62 -15.54 8.71
C ALA A 131 -11.75 -14.39 9.71
N PRO A 132 -12.63 -14.53 10.71
CA PRO A 132 -12.87 -13.40 11.62
C PRO A 132 -11.66 -13.16 12.51
N PHE A 133 -11.35 -11.89 12.75
CA PHE A 133 -10.24 -11.52 13.62
C PHE A 133 -10.56 -10.18 14.25
N ALA A 134 -9.88 -9.90 15.35
CA ALA A 134 -10.03 -8.64 16.08
C ALA A 134 -9.24 -7.51 15.40
N LEU A 135 -9.97 -6.43 15.09
CA LEU A 135 -9.37 -5.30 14.37
C LEU A 135 -8.36 -4.54 15.23
N ARG A 136 -8.68 -4.33 16.51
CA ARG A 136 -7.79 -3.44 17.28
C ARG A 136 -6.40 -4.04 17.52
N PRO A 137 -6.26 -5.33 17.87
CA PRO A 137 -4.90 -5.89 17.94
C PRO A 137 -4.16 -5.83 16.61
N LEU A 138 -4.88 -5.90 15.49
CA LEU A 138 -4.20 -5.72 14.21
C LEU A 138 -3.63 -4.31 14.06
N LEU A 139 -4.40 -3.28 14.44
CA LEU A 139 -3.91 -1.91 14.41
C LEU A 139 -2.69 -1.75 15.32
N ASP A 140 -2.75 -2.29 16.54
CA ASP A 140 -1.62 -2.13 17.46
C ASP A 140 -0.38 -2.84 16.94
N GLU A 141 -0.56 -4.03 16.36
CA GLU A 141 0.57 -4.74 15.76
C GLU A 141 1.19 -3.95 14.64
N THR A 142 0.37 -3.30 13.80
CA THR A 142 0.87 -2.46 12.72
C THR A 142 1.76 -1.36 13.28
N ILE A 143 1.27 -0.65 14.29
CA ILE A 143 2.04 0.45 14.86
C ILE A 143 3.35 -0.07 15.42
N GLY A 144 3.27 -1.18 16.17
CA GLY A 144 4.46 -1.76 16.76
C GLY A 144 5.48 -2.18 15.73
N ASP A 145 5.03 -2.85 14.66
CA ASP A 145 5.96 -3.32 13.61
C ASP A 145 6.65 -2.16 12.88
N VAL A 146 5.91 -1.11 12.55
CA VAL A 146 6.51 0.01 11.81
C VAL A 146 7.42 0.82 12.73
N ARG A 147 7.04 0.95 14.01
CA ARG A 147 7.91 1.62 14.96
C ARG A 147 9.27 0.93 15.00
N GLU A 148 9.28 -0.40 15.16
CA GLU A 148 10.56 -1.09 15.28
CA GLU A 148 10.54 -1.13 15.28
C GLU A 148 11.28 -1.18 13.94
N GLY A 149 10.53 -1.27 12.84
CA GLY A 149 11.14 -1.43 11.54
C GLY A 149 11.74 -0.15 10.99
N LEU A 150 11.09 1.01 11.20
CA LEU A 150 11.59 2.24 10.61
C LEU A 150 11.32 3.53 11.40
N ALA A 151 10.14 3.70 11.98
CA ALA A 151 9.79 5.02 12.54
C ALA A 151 10.74 5.45 13.64
N ALA A 152 11.06 4.54 14.56
CA ALA A 152 11.94 4.95 15.67
C ALA A 152 13.31 5.38 15.14
N ARG A 153 13.88 4.65 14.19
CA ARG A 153 15.21 5.01 13.71
C ARG A 153 15.19 6.20 12.77
N ARG A 154 14.02 6.66 12.34
CA ARG A 154 13.88 7.88 11.55
C ARG A 154 13.37 9.05 12.38
N GLY A 155 13.15 8.87 13.68
CA GLY A 155 12.68 9.97 14.50
C GLY A 155 11.24 10.37 14.24
N ILE A 156 10.44 9.46 13.72
CA ILE A 156 9.04 9.73 13.37
C ILE A 156 8.15 9.23 14.50
N VAL A 157 7.22 10.07 14.95
CA VAL A 157 6.26 9.70 15.97
C VAL A 157 5.06 9.07 15.28
N LEU A 158 4.66 7.87 15.72
CA LEU A 158 3.45 7.24 15.21
C LEU A 158 2.32 7.44 16.21
N ALA A 159 1.12 7.76 15.69
CA ALA A 159 -0.05 7.94 16.55
C ALA A 159 -1.17 7.10 15.98
N LEU A 160 -1.89 6.43 16.86
CA LEU A 160 -3.06 5.65 16.47
C LEU A 160 -4.28 6.33 17.06
N ASN A 161 -5.24 6.64 16.21
CA ASN A 161 -6.50 7.24 16.62
CA ASN A 161 -6.51 7.24 16.61
C ASN A 161 -7.64 6.32 16.18
N THR A 162 -8.23 5.62 17.13
CA THR A 162 -9.32 4.71 16.77
C THR A 162 -10.22 4.53 17.98
N PRO A 163 -11.54 4.47 17.76
CA PRO A 163 -12.45 4.01 18.81
C PRO A 163 -12.59 2.50 18.87
N LEU A 164 -11.94 1.77 17.95
CA LEU A 164 -12.15 0.33 17.88
C LEU A 164 -11.57 -0.36 19.12
N ALA A 165 -12.37 -1.24 19.72
CA ALA A 165 -11.97 -2.02 20.88
C ALA A 165 -12.17 -3.50 20.60
N ALA A 166 -13.42 -3.96 20.57
CA ALA A 166 -13.72 -5.38 20.38
C ALA A 166 -14.17 -5.74 18.96
N GLN A 167 -14.27 -4.77 18.05
CA GLN A 167 -14.84 -5.04 16.73
C GLN A 167 -14.04 -6.11 15.99
N GLN A 168 -14.74 -6.95 15.26
CA GLN A 168 -14.12 -7.97 14.44
C GLN A 168 -14.45 -7.75 12.96
N MET A 169 -13.63 -8.36 12.12
CA MET A 169 -13.79 -8.32 10.68
C MET A 169 -13.51 -9.69 10.11
N ASP A 170 -14.37 -10.15 9.20
CA ASP A 170 -14.15 -11.39 8.45
C ASP A 170 -13.29 -11.01 7.25
N GLY A 171 -11.99 -11.16 7.40
CA GLY A 171 -11.08 -10.71 6.37
C GLY A 171 -9.85 -11.59 6.27
N ASP A 172 -8.98 -11.26 5.33
CA ASP A 172 -7.72 -11.98 5.16
C ASP A 172 -6.72 -11.26 6.06
N ARG A 173 -6.59 -11.73 7.30
CA ARG A 173 -5.87 -10.90 8.29
C ARG A 173 -4.44 -10.65 7.84
N GLU A 174 -3.77 -11.67 7.30
CA GLU A 174 -2.36 -11.47 6.93
C GLU A 174 -2.21 -10.44 5.81
N ARG A 175 -3.08 -10.50 4.78
CA ARG A 175 -2.98 -9.50 3.71
C ARG A 175 -3.35 -8.10 4.21
N LEU A 176 -4.39 -7.99 5.03
CA LEU A 176 -4.71 -6.69 5.61
C LEU A 176 -3.57 -6.19 6.47
N ALA A 177 -2.91 -7.09 7.19
CA ALA A 177 -1.77 -6.68 8.00
C ALA A 177 -0.67 -6.13 7.12
N ALA A 178 -0.38 -6.79 6.00
CA ALA A 178 0.63 -6.28 5.08
C ALA A 178 0.23 -4.92 4.53
N ALA A 179 -1.05 -4.75 4.20
CA ALA A 179 -1.53 -3.50 3.63
C ALA A 179 -1.41 -2.34 4.61
N LEU A 180 -1.78 -2.57 5.87
CA LEU A 180 -1.68 -1.50 6.85
C LEU A 180 -0.22 -1.19 7.17
N TRP A 181 0.61 -2.23 7.27
CA TRP A 181 2.05 -2.00 7.45
C TRP A 181 2.59 -1.06 6.37
N LEU A 182 2.24 -1.32 5.11
CA LEU A 182 2.79 -0.51 4.02
C LEU A 182 2.20 0.89 4.01
N LEU A 183 0.90 1.00 4.31
CA LEU A 183 0.25 2.30 4.43
C LEU A 183 1.02 3.20 5.40
N VAL A 184 1.38 2.67 6.57
CA VAL A 184 2.12 3.47 7.55
C VAL A 184 3.59 3.62 7.15
N THR A 185 4.23 2.52 6.73
CA THR A 185 5.65 2.58 6.38
C THR A 185 5.92 3.58 5.25
N PHE A 186 5.03 3.62 4.25
CA PHE A 186 5.22 4.59 3.16
C PHE A 186 5.24 6.02 3.70
N ALA A 187 4.29 6.34 4.58
CA ALA A 187 4.23 7.68 5.14
C ALA A 187 5.50 7.98 5.93
N VAL A 188 5.98 6.99 6.69
CA VAL A 188 7.22 7.16 7.45
C VAL A 188 8.39 7.41 6.51
N GLU A 189 8.47 6.64 5.41
CA GLU A 189 9.57 6.83 4.46
C GLU A 189 9.53 8.24 3.87
N ALA A 190 8.33 8.78 3.72
CA ALA A 190 8.14 10.14 3.21
C ALA A 190 7.97 11.17 4.33
N SER A 191 8.62 10.95 5.47
CA SER A 191 8.58 11.91 6.58
C SER A 191 9.98 12.31 7.00
N ALA A 192 10.11 13.57 7.42
CA ALA A 192 11.33 14.07 8.03
C ALA A 192 11.29 13.86 9.55
N SER A 193 12.49 13.81 10.15
CA SER A 193 12.61 13.65 11.61
C SER A 193 11.69 14.59 12.36
N GLY A 194 10.98 14.05 13.38
CA GLY A 194 10.10 14.85 14.21
C GLY A 194 8.68 14.96 13.70
N THR A 195 8.39 14.49 12.49
CA THR A 195 7.03 14.43 11.96
C THR A 195 6.20 13.38 12.69
N THR A 196 4.91 13.67 12.85
CA THR A 196 3.95 12.70 13.35
C THR A 196 3.16 12.09 12.20
N VAL A 197 3.17 10.76 12.11
CA VAL A 197 2.34 9.99 11.18
C VAL A 197 1.17 9.40 11.96
N THR A 198 -0.05 9.70 11.54
CA THR A 198 -1.23 9.25 12.29
C THR A 198 -1.98 8.21 11.46
N LEU A 199 -2.26 7.06 12.07
CA LEU A 199 -3.18 6.07 11.52
C LEU A 199 -4.54 6.27 12.18
N ASP A 200 -5.54 6.66 11.40
CA ASP A 200 -6.93 6.75 11.85
C ASP A 200 -7.67 5.52 11.36
N ALA A 201 -8.48 4.88 12.21
CA ALA A 201 -9.20 3.70 11.72
C ALA A 201 -10.52 3.57 12.44
N ASP A 202 -11.57 3.19 11.71
CA ASP A 202 -12.91 3.03 12.27
CA ASP A 202 -12.86 2.90 12.33
C ASP A 202 -13.70 2.12 11.33
N VAL A 203 -14.88 1.74 11.77
CA VAL A 203 -15.81 1.03 10.91
C VAL A 203 -17.07 1.88 10.78
N ASP A 204 -17.72 1.74 9.63
CA ASP A 204 -19.00 2.39 9.40
C ASP A 204 -19.81 1.44 8.54
N THR A 205 -20.97 1.00 9.07
CA THR A 205 -21.84 0.03 8.42
C THR A 205 -21.03 -1.16 7.92
N ALA A 206 -20.89 -1.33 6.61
CA ALA A 206 -20.25 -2.52 6.07
C ALA A 206 -18.75 -2.33 5.74
N THR A 207 -18.14 -1.23 6.18
CA THR A 207 -16.84 -0.80 5.65
C THR A 207 -15.83 -0.52 6.77
N LEU A 208 -14.63 -1.07 6.62
CA LEU A 208 -13.47 -0.66 7.40
C LEU A 208 -12.75 0.48 6.68
N ARG A 209 -12.45 1.56 7.41
CA ARG A 209 -11.77 2.71 6.85
CA ARG A 209 -11.77 2.71 6.84
C ARG A 209 -10.50 2.96 7.64
N ALA A 210 -9.36 2.97 6.96
CA ALA A 210 -8.06 3.26 7.57
C ALA A 210 -7.40 4.36 6.77
N THR A 211 -6.99 5.44 7.44
CA THR A 211 -6.38 6.58 6.79
C THR A 211 -5.08 6.90 7.50
N VAL A 212 -4.01 7.09 6.73
CA VAL A 212 -2.75 7.58 7.27
C VAL A 212 -2.59 9.02 6.80
N SER A 213 -2.37 9.94 7.74
CA SER A 213 -2.24 11.37 7.44
CA SER A 213 -2.22 11.34 7.40
C SER A 213 -0.95 11.89 8.03
N TRP A 214 -0.25 12.75 7.28
CA TRP A 214 1.05 13.24 7.75
C TRP A 214 1.49 14.41 6.90
N GLN A 215 2.33 15.25 7.49
CA GLN A 215 2.99 16.33 6.73
C GLN A 215 4.19 15.72 5.99
N ALA A 216 4.11 15.69 4.66
CA ALA A 216 5.06 14.91 3.87
C ALA A 216 6.33 15.71 3.57
N THR A 217 7.46 14.99 3.56
CA THR A 217 8.73 15.49 3.02
C THR A 217 9.14 14.45 1.98
N PRO A 218 8.63 14.55 0.76
CA PRO A 218 8.87 13.48 -0.22
C PRO A 218 10.35 13.30 -0.56
N ALA A 219 11.19 14.33 -0.37
CA ALA A 219 12.63 14.16 -0.58
C ALA A 219 13.24 13.15 0.38
N ALA A 220 12.61 12.90 1.53
CA ALA A 220 13.14 11.89 2.45
C ALA A 220 13.11 10.49 1.85
N LEU A 221 12.19 10.23 0.90
CA LEU A 221 12.09 8.90 0.29
C LEU A 221 13.40 8.44 -0.32
N THR A 222 14.16 9.39 -0.89
CA THR A 222 15.38 9.05 -1.62
C THR A 222 16.62 9.59 -0.95
N ASP A 223 16.53 10.02 0.30
CA ASP A 223 17.69 10.59 0.98
C ASP A 223 18.63 9.47 1.43
N PRO A 224 19.84 9.36 0.85
CA PRO A 224 20.73 8.24 1.22
C PRO A 224 21.31 8.34 2.62
N ALA A 225 21.17 9.47 3.30
CA ALA A 225 21.61 9.59 4.69
C ALA A 225 20.59 9.06 5.70
N LEU A 226 19.42 8.69 5.27
CA LEU A 226 18.38 8.22 6.17
C LEU A 226 18.22 6.71 6.06
N PRO A 227 17.94 6.02 7.15
CA PRO A 227 17.60 4.58 7.05
C PRO A 227 16.36 4.40 6.19
N HIS A 228 16.28 3.23 5.55
CA HIS A 228 15.12 2.92 4.73
C HIS A 228 14.75 1.46 4.89
N VAL A 229 13.49 1.16 4.60
CA VAL A 229 13.00 -0.22 4.53
CA VAL A 229 13.04 -0.23 4.51
C VAL A 229 12.58 -0.58 3.09
N LEU A 230 11.86 0.31 2.42
CA LEU A 230 11.38 -0.01 1.07
C LEU A 230 12.54 0.01 0.05
N GLU A 231 12.32 -0.69 -1.06
CA GLU A 231 13.35 -0.81 -2.08
C GLU A 231 13.77 0.56 -2.62
N ASN A 232 15.06 0.70 -2.93
CA ASN A 232 15.57 1.97 -3.42
C ASN A 232 14.85 2.44 -4.68
N PHE A 233 14.69 1.58 -5.67
CA PHE A 233 14.07 2.00 -6.92
CA PHE A 233 14.09 2.09 -6.88
C PHE A 233 12.59 2.28 -6.75
N ALA A 234 11.93 1.55 -5.83
CA ALA A 234 10.54 1.83 -5.49
C ALA A 234 10.40 3.19 -4.83
N ARG A 235 11.30 3.51 -3.89
CA ARG A 235 11.29 4.83 -3.26
C ARG A 235 11.52 5.94 -4.29
N ALA A 236 12.48 5.74 -5.21
CA ALA A 236 12.70 6.70 -6.28
C ALA A 236 11.48 6.87 -7.15
N GLN A 237 10.88 5.76 -7.59
CA GLN A 237 9.70 5.83 -8.45
C GLN A 237 8.57 6.58 -7.77
N ALA A 238 8.48 6.50 -6.44
CA ALA A 238 7.38 7.13 -5.73
C ALA A 238 7.47 8.65 -5.76
N THR A 239 8.67 9.23 -5.97
CA THR A 239 8.78 10.68 -6.10
C THR A 239 8.39 11.15 -7.49
N HIS A 240 8.15 10.26 -8.43
CA HIS A 240 7.87 10.67 -9.79
C HIS A 240 6.44 11.21 -9.90
N PRO A 241 6.22 12.19 -10.78
CA PRO A 241 4.86 12.66 -11.03
C PRO A 241 3.96 11.54 -11.50
N ARG A 242 2.77 11.47 -10.91
CA ARG A 242 1.87 10.37 -11.20
C ARG A 242 0.96 10.71 -12.38
N GLU A 243 0.88 9.77 -13.32
CA GLU A 243 -0.14 9.86 -14.34
C GLU A 243 -1.51 9.91 -13.67
N ALA A 244 -2.48 10.41 -14.42
CA ALA A 244 -3.81 10.64 -13.87
C ALA A 244 -4.45 9.34 -13.41
N GLY A 245 -4.87 9.31 -12.14
CA GLY A 245 -5.52 8.16 -11.58
C GLY A 245 -4.60 7.04 -11.13
N ARG A 246 -3.28 7.20 -11.24
CA ARG A 246 -2.36 6.12 -10.96
C ARG A 246 -1.59 6.36 -9.67
N ILE A 247 -1.26 5.25 -9.00
CA ILE A 247 -0.54 5.29 -7.74
C ILE A 247 0.95 5.20 -8.00
N SER A 248 1.73 5.61 -7.01
CA SER A 248 3.13 5.20 -6.91
C SER A 248 3.20 3.68 -6.88
N TRP A 249 4.09 3.09 -7.71
CA TRP A 249 4.08 1.63 -7.87
C TRP A 249 4.20 0.91 -6.54
N VAL A 250 4.98 1.49 -5.63
CA VAL A 250 5.27 0.77 -4.39
C VAL A 250 4.02 0.56 -3.54
N LEU A 251 2.94 1.31 -3.77
CA LEU A 251 1.72 1.15 -2.98
C LEU A 251 0.80 0.08 -3.55
N ALA A 252 1.25 -0.64 -4.58
CA ALA A 252 0.42 -1.65 -5.24
C ALA A 252 -0.22 -2.61 -4.24
N LEU A 253 0.52 -3.03 -3.21
CA LEU A 253 -0.03 -3.98 -2.24
C LEU A 253 -1.28 -3.43 -1.57
N CYS A 254 -1.23 -2.17 -1.11
CA CYS A 254 -2.45 -1.54 -0.54
C CYS A 254 -3.63 -1.58 -1.50
N LYS A 255 -3.40 -1.18 -2.75
CA LYS A 255 -4.48 -1.17 -3.74
C LYS A 255 -5.01 -2.57 -4.02
N ARG A 256 -4.11 -3.54 -4.22
CA ARG A 256 -4.55 -4.90 -4.53
CA ARG A 256 -4.54 -4.89 -4.53
C ARG A 256 -5.35 -5.49 -3.39
N VAL A 257 -4.89 -5.29 -2.16
CA VAL A 257 -5.56 -5.93 -1.04
C VAL A 257 -6.89 -5.23 -0.77
N ALA A 258 -6.92 -3.90 -0.90
CA ALA A 258 -8.19 -3.18 -0.77
C ALA A 258 -9.21 -3.67 -1.78
N GLU A 259 -8.81 -3.76 -3.06
CA GLU A 259 -9.78 -4.13 -4.08
C GLU A 259 -10.17 -5.59 -3.95
N ALA A 260 -9.27 -6.43 -3.44
CA ALA A 260 -9.61 -7.84 -3.21
C ALA A 260 -10.64 -7.99 -2.10
N HIS A 261 -10.68 -7.05 -1.16
CA HIS A 261 -11.73 -7.00 -0.14
C HIS A 261 -12.91 -6.11 -0.55
N ASP A 262 -13.19 -6.00 -1.85
CA ASP A 262 -14.31 -5.19 -2.35
C ASP A 262 -14.24 -3.77 -1.81
N GLY A 263 -13.03 -3.21 -1.77
CA GLY A 263 -12.78 -1.90 -1.21
C GLY A 263 -12.07 -1.02 -2.22
N ALA A 264 -11.28 -0.08 -1.69
CA ALA A 264 -10.68 0.92 -2.57
C ALA A 264 -9.47 1.51 -1.87
N PHE A 265 -8.57 2.07 -2.66
CA PHE A 265 -7.39 2.72 -2.10
C PHE A 265 -7.15 4.04 -2.83
N GLU A 266 -6.83 5.09 -2.08
CA GLU A 266 -6.60 6.40 -2.67
CA GLU A 266 -6.60 6.40 -2.67
C GLU A 266 -5.30 6.96 -2.12
N GLN A 267 -4.37 7.28 -3.03
CA GLN A 267 -3.14 7.97 -2.69
C GLN A 267 -3.31 9.45 -3.02
N GLY A 268 -3.35 10.30 -1.99
CA GLY A 268 -3.43 11.72 -2.24
C GLY A 268 -2.09 12.25 -2.75
N GLU A 269 -2.10 13.50 -3.19
CA GLU A 269 -0.86 14.11 -3.62
C GLU A 269 -0.01 14.47 -2.40
N PHE A 270 1.26 14.75 -2.66
CA PHE A 270 2.13 15.31 -1.62
C PHE A 270 1.77 16.78 -1.51
N ALA A 271 1.10 17.15 -0.42
CA ALA A 271 0.51 18.48 -0.26
C ALA A 271 1.47 19.41 0.48
N ASP A 272 1.70 20.59 -0.09
CA ASP A 272 2.51 21.61 0.57
C ASP A 272 1.66 22.37 1.57
N GLY A 273 2.20 22.58 2.78
CA GLY A 273 1.47 23.26 3.83
C GLY A 273 0.25 22.54 4.35
N GLN A 274 0.00 21.31 3.89
CA GLN A 274 -1.17 20.56 4.30
C GLN A 274 -0.80 19.09 4.40
N SER A 275 -1.59 18.34 5.18
CA SER A 275 -1.33 16.93 5.34
C SER A 275 -1.57 16.19 4.04
N SER A 276 -0.75 15.17 3.80
CA SER A 276 -1.02 14.17 2.80
C SER A 276 -1.81 13.04 3.45
N THR A 277 -2.51 12.29 2.61
CA THR A 277 -3.30 11.17 3.09
C THR A 277 -3.14 9.98 2.16
N LEU A 278 -3.18 8.80 2.75
CA LEU A 278 -3.46 7.54 2.07
C LEU A 278 -4.74 6.99 2.68
N LYS A 279 -5.71 6.63 1.83
CA LYS A 279 -7.00 6.20 2.34
C LYS A 279 -7.23 4.77 1.85
N PHE A 280 -7.48 3.88 2.80
CA PHE A 280 -7.72 2.45 2.56
C PHE A 280 -9.14 2.11 3.01
N ARG A 281 -9.90 1.40 2.17
CA ARG A 281 -11.21 0.90 2.57
C ARG A 281 -11.33 -0.57 2.19
N ALA A 282 -12.02 -1.33 3.04
CA ALA A 282 -12.24 -2.75 2.79
C ALA A 282 -13.62 -3.11 3.31
N SER A 283 -14.33 -3.98 2.58
CA SER A 283 -15.65 -4.40 3.02
C SER A 283 -15.51 -5.29 4.25
N LEU A 284 -16.45 -5.15 5.18
CA LEU A 284 -16.35 -5.90 6.43
C LEU A 284 -16.66 -7.39 6.21
N ALA A 285 -17.85 -7.70 5.71
CA ALA A 285 -18.26 -9.10 5.57
C ALA A 285 -18.36 -9.44 4.09
N GLY A 286 -17.20 -9.72 3.49
CA GLY A 286 -17.15 -10.17 2.12
C GLY A 286 -17.08 -11.68 2.01
#